data_3NK6
#
_entry.id   3NK6
#
_cell.length_a   64.884
_cell.length_b   69.203
_cell.length_c   64.797
_cell.angle_alpha   90.00
_cell.angle_beta   117.85
_cell.angle_gamma   90.00
#
_symmetry.space_group_name_H-M   'P 1 21 1'
#
loop_
_entity.id
_entity.type
_entity.pdbx_description
1 polymer '23S rRNA methyltransferase'
2 water water
#
_entity_poly.entity_id   1
_entity_poly.type   'polypeptide(L)'
_entity_poly.pdbx_seq_one_letter_code
;SEFMTEPAIITNASDPAVQRIIDVTKHSRASIKTTLIEDTEPLMECIRAGVQFIEVYGSSGTPLDPALLDLCRQREIPVR
LIDVSIVNQLFKAERKAKVFGIARVPRPARLADIAERGGDVVVLDGVKIVGNIGAIVRTSLALGAAGIVLVDSDLATIAD
RRLLRASRGYVFSLPVVLADREEAVSFLRDNDIALMVLDTDGDLGVKDLGDRADRMALVFGSEKGGPSGLFQEASAGTVS
IPMLSSTESLNVSVSVGIALHERSARNFAVRRAAAQA
;
_entity_poly.pdbx_strand_id   A,B
#
# COMPACT_ATOMS: atom_id res chain seq x y z
N THR A 5 43.40 -18.03 7.99
CA THR A 5 42.43 -18.29 6.93
C THR A 5 42.87 -17.79 5.53
N GLU A 6 43.84 -16.88 5.48
CA GLU A 6 44.27 -16.28 4.21
C GLU A 6 43.09 -15.65 3.47
N PRO A 7 42.25 -14.84 4.18
CA PRO A 7 41.09 -14.28 3.46
C PRO A 7 41.51 -13.39 2.29
N ALA A 8 40.71 -13.38 1.22
CA ALA A 8 40.98 -12.52 0.08
C ALA A 8 41.29 -11.10 0.52
N ILE A 9 42.42 -10.58 0.08
CA ILE A 9 42.90 -9.28 0.53
C ILE A 9 42.01 -8.09 0.13
N ILE A 10 41.30 -8.23 -0.98
CA ILE A 10 40.40 -7.16 -1.46
C ILE A 10 39.24 -6.91 -0.51
N THR A 11 38.90 -7.92 0.29
CA THR A 11 37.79 -7.81 1.23
C THR A 11 38.13 -6.85 2.39
N ASN A 12 37.26 -5.85 2.60
CA ASN A 12 37.43 -4.95 3.75
C ASN A 12 37.16 -5.74 5.04
N ALA A 13 38.19 -5.87 5.87
CA ALA A 13 38.11 -6.74 7.05
C ALA A 13 38.18 -5.99 8.40
N SER A 14 38.57 -4.72 8.35
CA SER A 14 38.79 -3.97 9.58
C SER A 14 37.51 -3.33 10.10
N ASP A 15 37.49 -2.00 10.11
CA ASP A 15 36.33 -1.25 10.61
C ASP A 15 36.42 0.24 10.30
N PRO A 16 37.64 0.73 10.03
CA PRO A 16 37.97 1.90 9.18
C PRO A 16 38.40 1.44 7.78
N ALA A 17 38.33 2.27 6.74
CA ALA A 17 37.95 3.68 6.77
C ALA A 17 36.79 4.00 5.83
N VAL A 18 36.61 3.17 4.80
CA VAL A 18 35.40 3.30 3.98
C VAL A 18 34.21 2.87 4.82
N GLN A 19 34.47 2.02 5.81
CA GLN A 19 33.48 1.69 6.83
C GLN A 19 33.07 2.95 7.54
N ARG A 20 34.10 3.67 8.01
CA ARG A 20 33.89 4.90 8.75
C ARG A 20 33.00 5.86 7.97
N ILE A 21 33.23 5.93 6.66
CA ILE A 21 32.44 6.84 5.84
C ILE A 21 31.00 6.36 5.69
N ILE A 22 30.82 5.04 5.74
CA ILE A 22 29.50 4.43 5.68
C ILE A 22 28.78 4.65 7.00
N ASP A 23 29.48 4.40 8.10
CA ASP A 23 28.94 4.68 9.44
C ASP A 23 28.56 6.14 9.52
N VAL A 24 29.48 7.00 9.11
CA VAL A 24 29.25 8.43 9.09
C VAL A 24 27.91 8.84 8.48
N THR A 25 27.57 8.32 7.30
CA THR A 25 26.27 8.68 6.73
C THR A 25 25.12 7.90 7.39
N LYS A 26 25.40 6.74 7.98
CA LYS A 26 24.33 5.96 8.64
C LYS A 26 23.72 6.77 9.79
N HIS A 27 24.54 7.61 10.42
CA HIS A 27 24.04 8.51 11.46
C HIS A 27 24.48 9.96 11.23
N SER A 28 24.23 10.43 10.02
CA SER A 28 24.52 11.79 9.59
C SER A 28 25.84 12.34 10.11
N LYS A 33 26.74 15.68 1.36
CA LYS A 33 25.33 15.45 1.10
C LYS A 33 25.12 14.13 0.38
N THR A 34 25.14 13.04 1.14
CA THR A 34 25.15 11.70 0.59
C THR A 34 24.17 10.82 1.33
N THR A 35 23.89 9.66 0.75
CA THR A 35 22.97 8.72 1.40
C THR A 35 23.33 7.29 1.01
N LEU A 36 22.70 6.34 1.67
CA LEU A 36 22.91 4.93 1.40
C LEU A 36 21.69 4.45 0.65
N ILE A 37 21.93 3.74 -0.44
CA ILE A 37 20.85 3.13 -1.19
C ILE A 37 21.04 1.62 -1.10
N GLU A 38 20.00 0.91 -0.70
CA GLU A 38 20.16 -0.50 -0.40
C GLU A 38 19.40 -1.42 -1.35
N ASP A 39 20.04 -2.54 -1.67
CA ASP A 39 19.42 -3.65 -2.40
C ASP A 39 19.61 -3.52 -3.90
N THR A 40 19.56 -4.65 -4.60
CA THR A 40 19.90 -4.67 -6.03
C THR A 40 18.98 -3.80 -6.89
N GLU A 41 17.68 -4.05 -6.80
CA GLU A 41 16.72 -3.34 -7.63
C GLU A 41 16.78 -1.81 -7.39
N PRO A 42 16.74 -1.39 -6.12
CA PRO A 42 16.84 0.06 -5.90
C PRO A 42 18.16 0.64 -6.43
N LEU A 43 19.29 -0.05 -6.22
CA LEU A 43 20.53 0.46 -6.80
C LEU A 43 20.41 0.66 -8.32
N MET A 44 19.89 -0.33 -9.03
CA MET A 44 19.86 -0.24 -10.49
C MET A 44 18.91 0.83 -11.00
N GLU A 45 17.81 1.04 -10.29
CA GLU A 45 16.90 2.14 -10.62
C GLU A 45 17.58 3.50 -10.38
N CYS A 46 18.24 3.66 -9.22
CA CYS A 46 18.96 4.90 -8.95
C CYS A 46 20.04 5.17 -9.99
N ILE A 47 20.81 4.14 -10.34
CA ILE A 47 21.81 4.30 -11.39
C ILE A 47 21.13 4.69 -12.72
N ARG A 48 20.08 3.96 -13.11
CA ARG A 48 19.34 4.26 -14.34
C ARG A 48 18.79 5.69 -14.35
N ALA A 49 18.34 6.16 -13.18
CA ALA A 49 17.75 7.50 -13.09
C ALA A 49 18.81 8.59 -13.03
N GLY A 50 20.08 8.18 -13.03
CA GLY A 50 21.17 9.13 -13.11
C GLY A 50 21.78 9.56 -11.79
N VAL A 51 21.50 8.83 -10.71
CA VAL A 51 22.03 9.18 -9.40
C VAL A 51 23.53 8.89 -9.37
N GLN A 52 24.31 9.82 -8.84
CA GLN A 52 25.76 9.65 -8.84
C GLN A 52 26.23 8.86 -7.63
N PHE A 53 26.87 7.72 -7.87
CA PHE A 53 27.39 6.92 -6.78
C PHE A 53 28.89 7.11 -6.53
N ILE A 54 29.28 7.04 -5.25
CA ILE A 54 30.68 7.09 -4.86
C ILE A 54 31.29 5.70 -4.95
N GLU A 55 30.53 4.70 -4.51
CA GLU A 55 31.00 3.32 -4.41
C GLU A 55 29.84 2.41 -4.06
N VAL A 56 29.89 1.18 -4.58
CA VAL A 56 28.92 0.14 -4.26
C VAL A 56 29.61 -1.02 -3.54
N TYR A 57 28.91 -1.61 -2.57
CA TYR A 57 29.51 -2.61 -1.69
C TYR A 57 28.65 -3.83 -1.63
N GLY A 58 29.28 -5.00 -1.53
CA GLY A 58 28.59 -6.23 -1.20
C GLY A 58 29.19 -6.86 0.04
N SER A 59 28.47 -7.82 0.63
CA SER A 59 29.07 -8.65 1.67
C SER A 59 29.93 -9.74 1.03
N SER A 60 31.04 -10.08 1.67
CA SER A 60 31.91 -11.11 1.12
C SER A 60 31.18 -12.45 1.10
N GLY A 61 31.57 -13.33 0.18
CA GLY A 61 31.10 -14.70 0.18
C GLY A 61 29.81 -14.97 -0.58
N THR A 62 29.18 -13.91 -1.07
CA THR A 62 28.03 -14.07 -1.96
C THR A 62 28.23 -13.27 -3.26
N PRO A 63 27.81 -13.87 -4.38
CA PRO A 63 28.03 -13.23 -5.69
C PRO A 63 27.09 -12.05 -5.86
N LEU A 64 27.65 -10.89 -6.16
CA LEU A 64 26.84 -9.71 -6.40
C LEU A 64 26.05 -9.94 -7.68
N ASP A 65 24.78 -9.57 -7.67
CA ASP A 65 23.94 -9.75 -8.84
C ASP A 65 24.71 -9.37 -10.10
N PRO A 66 24.82 -10.32 -11.05
CA PRO A 66 25.61 -10.09 -12.26
C PRO A 66 25.23 -8.82 -13.04
N ALA A 67 23.94 -8.49 -13.09
CA ALA A 67 23.50 -7.34 -13.87
C ALA A 67 23.96 -6.01 -13.25
N LEU A 68 23.84 -5.93 -11.93
CA LEU A 68 24.39 -4.78 -11.20
C LEU A 68 25.91 -4.67 -11.41
N LEU A 69 26.63 -5.77 -11.25
CA LEU A 69 28.08 -5.71 -11.46
C LEU A 69 28.36 -5.21 -12.87
N ASP A 70 27.61 -5.78 -13.81
CA ASP A 70 27.70 -5.34 -15.19
C ASP A 70 27.45 -3.84 -15.28
N LEU A 71 26.33 -3.37 -14.74
CA LEU A 71 25.99 -1.95 -14.79
C LEU A 71 27.03 -1.06 -14.10
N CYS A 72 27.53 -1.48 -12.95
CA CYS A 72 28.60 -0.71 -12.32
C CYS A 72 29.83 -0.71 -13.21
N ARG A 73 29.97 -1.76 -14.02
CA ARG A 73 31.08 -1.81 -14.95
C ARG A 73 30.88 -0.73 -15.99
N GLN A 74 29.69 -0.73 -16.58
CA GLN A 74 29.33 0.25 -17.61
C GLN A 74 29.52 1.68 -17.10
N ARG A 75 29.06 1.98 -15.90
CA ARG A 75 29.37 3.28 -15.31
C ARG A 75 30.71 3.16 -14.59
N GLU A 76 31.34 4.28 -14.25
CA GLU A 76 32.65 4.16 -13.61
C GLU A 76 32.51 3.96 -12.11
N ILE A 77 31.72 2.96 -11.71
CA ILE A 77 31.39 2.78 -10.30
C ILE A 77 32.13 1.64 -9.61
N PRO A 78 33.05 1.99 -8.70
CA PRO A 78 33.83 1.02 -7.93
C PRO A 78 32.93 0.15 -7.05
N VAL A 79 33.22 -1.14 -7.08
CA VAL A 79 32.53 -2.12 -6.27
C VAL A 79 33.59 -2.75 -5.36
N ARG A 80 33.26 -2.95 -4.08
CA ARG A 80 34.18 -3.61 -3.17
C ARG A 80 33.41 -4.43 -2.15
N LEU A 81 34.05 -5.45 -1.61
CA LEU A 81 33.37 -6.32 -0.66
C LEU A 81 33.79 -6.01 0.77
N ILE A 82 32.84 -6.12 1.67
CA ILE A 82 33.09 -5.92 3.08
C ILE A 82 32.81 -7.24 3.78
N ASP A 83 33.67 -7.62 4.72
CA ASP A 83 33.44 -8.88 5.40
C ASP A 83 32.01 -8.92 5.94
N VAL A 84 31.33 -10.04 5.71
CA VAL A 84 29.95 -10.22 6.12
C VAL A 84 29.78 -9.88 7.58
N SER A 85 30.78 -10.24 8.37
CA SER A 85 30.80 -9.94 9.80
C SER A 85 30.53 -8.47 10.08
N ILE A 86 31.16 -7.59 9.30
CA ILE A 86 31.06 -6.14 9.49
C ILE A 86 29.79 -5.55 8.88
N VAL A 87 29.41 -6.05 7.71
CA VAL A 87 28.15 -5.61 7.10
C VAL A 87 27.04 -6.00 8.05
N ASN A 88 27.20 -7.18 8.66
CA ASN A 88 26.28 -7.66 9.68
C ASN A 88 26.72 -7.13 11.06
N GLN A 89 26.48 -5.83 11.24
CA GLN A 89 26.98 -5.06 12.37
C GLN A 89 26.69 -3.62 11.99
N LEU A 90 26.77 -3.36 10.68
CA LEU A 90 26.08 -2.23 10.09
C LEU A 90 24.71 -2.83 9.87
N PHE A 91 23.70 -2.00 9.63
CA PHE A 91 22.35 -2.53 9.47
C PHE A 91 21.96 -3.46 10.63
N ALA A 97 21.95 -3.97 3.50
CA ALA A 97 21.66 -5.39 3.30
C ALA A 97 22.86 -6.22 2.84
N LYS A 98 22.67 -7.03 1.81
CA LYS A 98 23.75 -7.82 1.26
C LYS A 98 24.50 -6.95 0.27
N VAL A 99 23.86 -5.85 -0.14
CA VAL A 99 24.44 -4.96 -1.13
C VAL A 99 23.90 -3.53 -0.98
N PHE A 100 24.77 -2.55 -1.11
CA PHE A 100 24.36 -1.17 -0.93
C PHE A 100 25.37 -0.25 -1.56
N GLY A 101 24.98 1.00 -1.76
CA GLY A 101 25.87 2.00 -2.32
C GLY A 101 25.81 3.31 -1.60
N ILE A 102 26.93 4.02 -1.57
CA ILE A 102 26.97 5.40 -1.11
C ILE A 102 26.73 6.29 -2.34
N ALA A 103 25.70 7.13 -2.29
CA ALA A 103 25.35 7.99 -3.42
C ALA A 103 25.28 9.46 -3.01
N ARG A 104 25.57 10.35 -3.96
CA ARG A 104 25.33 11.77 -3.76
C ARG A 104 23.85 12.05 -3.98
N VAL A 105 23.23 12.83 -3.10
CA VAL A 105 21.83 13.16 -3.24
C VAL A 105 21.63 14.21 -4.34
N PRO A 106 20.80 13.90 -5.34
CA PRO A 106 20.61 14.88 -6.42
C PRO A 106 20.10 16.19 -5.87
N ARG A 107 20.31 17.25 -6.64
CA ARG A 107 19.78 18.53 -6.26
C ARG A 107 18.28 18.40 -6.22
N PRO A 108 17.65 18.81 -5.10
CA PRO A 108 16.20 18.70 -4.92
C PRO A 108 15.45 19.23 -6.13
N ALA A 109 14.45 18.48 -6.55
CA ALA A 109 13.62 18.89 -7.67
C ALA A 109 12.76 20.06 -7.22
N ARG A 110 12.30 20.86 -8.18
CA ARG A 110 11.40 21.96 -7.90
C ARG A 110 10.14 21.86 -8.72
N LEU A 111 9.15 22.68 -8.37
CA LEU A 111 7.88 22.66 -9.09
C LEU A 111 8.09 22.83 -10.59
N ALA A 112 8.93 23.77 -10.99
CA ALA A 112 9.12 24.01 -12.42
C ALA A 112 9.49 22.70 -13.15
N ASP A 113 10.28 21.85 -12.51
CA ASP A 113 10.69 20.58 -13.12
C ASP A 113 9.47 19.77 -13.50
N ILE A 114 8.49 19.72 -12.61
CA ILE A 114 7.26 19.00 -12.90
C ILE A 114 6.56 19.57 -14.14
N ALA A 115 6.41 20.90 -14.19
CA ALA A 115 5.75 21.52 -15.33
C ALA A 115 6.47 21.24 -16.64
N GLU A 116 7.80 21.28 -16.62
CA GLU A 116 8.55 21.11 -17.87
C GLU A 116 8.57 19.66 -18.36
N ARG A 117 8.50 18.71 -17.44
CA ARG A 117 8.58 17.30 -17.78
C ARG A 117 7.37 16.84 -18.60
N GLY A 118 6.22 17.46 -18.38
CA GLY A 118 5.01 17.14 -19.12
C GLY A 118 4.22 16.00 -18.48
N GLY A 119 2.90 16.06 -18.55
CA GLY A 119 2.05 15.00 -17.99
C GLY A 119 1.38 15.42 -16.69
N ASP A 120 0.61 14.50 -16.09
CA ASP A 120 -0.19 14.86 -14.93
C ASP A 120 0.64 15.05 -13.67
N VAL A 121 0.13 15.91 -12.79
CA VAL A 121 0.78 16.18 -11.51
C VAL A 121 0.01 15.47 -10.40
N VAL A 122 0.69 14.62 -9.65
CA VAL A 122 0.09 14.03 -8.46
C VAL A 122 0.37 14.91 -7.23
N VAL A 123 -0.67 15.41 -6.58
CA VAL A 123 -0.47 16.19 -5.36
C VAL A 123 -1.01 15.43 -4.15
N LEU A 124 -0.15 15.22 -3.16
CA LEU A 124 -0.58 14.60 -1.91
C LEU A 124 -0.74 15.68 -0.85
N ASP A 125 -1.86 15.64 -0.14
CA ASP A 125 -2.24 16.73 0.76
C ASP A 125 -2.44 16.15 2.15
N GLY A 126 -1.41 16.22 2.98
CA GLY A 126 -1.50 15.65 4.32
C GLY A 126 -1.26 14.17 4.41
N VAL A 127 -0.84 13.55 3.32
CA VAL A 127 -0.37 12.18 3.38
C VAL A 127 1.00 12.14 4.05
N LYS A 128 1.08 11.46 5.17
CA LYS A 128 2.27 11.51 6.01
C LYS A 128 2.89 10.15 6.23
N ILE A 129 2.14 9.08 5.93
CA ILE A 129 2.67 7.73 6.13
C ILE A 129 3.63 7.35 5.01
N VAL A 130 4.88 7.15 5.39
CA VAL A 130 5.98 7.08 4.44
C VAL A 130 5.87 5.88 3.51
N GLY A 131 5.40 4.75 4.02
CA GLY A 131 5.12 3.61 3.15
C GLY A 131 4.08 3.94 2.07
N ASN A 132 3.09 4.76 2.42
CA ASN A 132 2.13 5.21 1.42
C ASN A 132 2.81 6.12 0.40
N ILE A 133 3.58 7.07 0.92
CA ILE A 133 4.27 7.98 0.01
C ILE A 133 5.22 7.23 -0.93
N GLY A 134 5.96 6.26 -0.40
CA GLY A 134 6.83 5.48 -1.26
C GLY A 134 6.11 4.70 -2.35
N ALA A 135 5.02 4.05 -1.99
CA ALA A 135 4.24 3.32 -2.96
C ALA A 135 3.72 4.28 -4.04
N ILE A 136 3.25 5.46 -3.64
CA ILE A 136 2.72 6.43 -4.61
C ILE A 136 3.84 6.91 -5.54
N VAL A 137 5.03 7.09 -5.02
CA VAL A 137 6.17 7.40 -5.88
C VAL A 137 6.37 6.38 -6.99
N ARG A 138 6.35 5.09 -6.64
CA ARG A 138 6.55 4.01 -7.61
C ARG A 138 5.44 3.98 -8.65
N THR A 139 4.21 4.12 -8.18
CA THR A 139 3.04 4.11 -9.07
C THR A 139 3.06 5.29 -10.05
N SER A 140 3.37 6.49 -9.54
CA SER A 140 3.39 7.71 -10.34
C SER A 140 4.46 7.60 -11.41
N LEU A 141 5.59 6.99 -11.05
CA LEU A 141 6.67 6.80 -12.01
C LEU A 141 6.17 5.83 -13.08
N ALA A 142 5.71 4.66 -12.63
CA ALA A 142 5.40 3.57 -13.54
C ALA A 142 4.19 3.83 -14.44
N LEU A 143 3.28 4.68 -13.97
CA LEU A 143 2.08 5.01 -14.75
C LEU A 143 2.22 6.31 -15.56
N GLY A 144 3.41 6.88 -15.55
CA GLY A 144 3.72 7.97 -16.45
C GLY A 144 3.40 9.38 -15.99
N ALA A 145 3.13 9.59 -14.71
CA ALA A 145 2.92 10.94 -14.19
C ALA A 145 4.15 11.83 -14.37
N ALA A 146 3.92 13.16 -14.38
CA ALA A 146 5.02 14.12 -14.57
C ALA A 146 5.86 14.23 -13.32
N GLY A 147 5.21 14.14 -12.17
CA GLY A 147 5.87 14.42 -10.90
C GLY A 147 4.90 14.41 -9.75
N ILE A 148 5.42 14.55 -8.55
CA ILE A 148 4.60 14.51 -7.34
C ILE A 148 4.87 15.75 -6.51
N VAL A 149 3.82 16.36 -6.00
CA VAL A 149 3.98 17.44 -5.03
C VAL A 149 3.52 16.96 -3.65
N LEU A 150 4.38 17.11 -2.67
CA LEU A 150 4.06 16.63 -1.35
C LEU A 150 3.79 17.84 -0.47
N VAL A 151 2.56 17.94 0.01
CA VAL A 151 2.13 19.04 0.87
C VAL A 151 1.78 18.48 2.23
N ASP A 152 2.39 19.03 3.27
CA ASP A 152 2.05 18.60 4.63
C ASP A 152 2.39 17.15 4.92
N SER A 153 3.57 16.71 4.45
CA SER A 153 3.97 15.33 4.57
C SER A 153 4.77 15.06 5.83
N ASP A 154 5.28 16.13 6.44
CA ASP A 154 6.17 16.04 7.59
C ASP A 154 7.54 15.48 7.25
N LEU A 155 7.87 15.42 5.96
CA LEU A 155 9.22 15.00 5.55
C LEU A 155 10.17 16.18 5.44
N ALA A 156 11.38 16.01 5.95
CA ALA A 156 12.40 17.08 5.88
C ALA A 156 13.02 17.14 4.49
N THR A 157 13.33 15.99 3.92
CA THR A 157 13.64 15.91 2.50
C THR A 157 13.27 14.56 1.92
N ILE A 158 13.26 14.54 0.59
CA ILE A 158 12.91 13.37 -0.21
C ILE A 158 13.91 12.25 -0.07
N ALA A 159 15.12 12.60 0.37
CA ALA A 159 16.17 11.62 0.54
C ALA A 159 16.08 10.89 1.88
N ASP A 160 15.08 11.21 2.70
CA ASP A 160 14.81 10.43 3.91
C ASP A 160 14.98 8.93 3.63
N ARG A 161 15.80 8.25 4.41
CA ARG A 161 16.05 6.84 4.13
C ARG A 161 14.81 5.95 4.25
N ARG A 162 13.83 6.38 5.03
CA ARG A 162 12.56 5.67 5.07
C ARG A 162 11.85 5.74 3.71
N LEU A 163 11.87 6.90 3.08
CA LEU A 163 11.25 7.08 1.76
C LEU A 163 12.05 6.38 0.65
N LEU A 164 13.37 6.46 0.72
CA LEU A 164 14.21 5.67 -0.17
C LEU A 164 13.76 4.22 -0.17
N ARG A 165 13.64 3.63 1.02
CA ARG A 165 13.35 2.21 1.10
C ARG A 165 11.92 1.94 0.68
N ALA A 166 11.01 2.80 1.10
CA ALA A 166 9.59 2.64 0.75
C ALA A 166 9.31 2.83 -0.75
N SER A 167 10.05 3.72 -1.40
CA SER A 167 9.92 3.94 -2.84
C SER A 167 10.70 2.91 -3.71
N ARG A 168 11.40 1.99 -3.05
CA ARG A 168 12.28 1.06 -3.76
C ARG A 168 13.21 1.77 -4.73
N GLY A 169 13.70 2.93 -4.32
CA GLY A 169 14.72 3.64 -5.08
C GLY A 169 14.21 4.42 -6.28
N TYR A 170 12.91 4.74 -6.29
CA TYR A 170 12.30 5.43 -7.42
C TYR A 170 12.12 6.91 -7.16
N VAL A 171 12.52 7.35 -5.97
CA VAL A 171 12.26 8.70 -5.53
C VAL A 171 13.04 9.76 -6.30
N PHE A 172 14.12 9.33 -6.99
CA PHE A 172 14.90 10.23 -7.82
C PHE A 172 14.62 10.01 -9.32
N SER A 173 13.62 9.21 -9.63
CA SER A 173 13.37 8.87 -11.03
C SER A 173 12.40 9.87 -11.70
N LEU A 174 11.62 10.58 -10.89
CA LEU A 174 10.83 11.70 -11.39
C LEU A 174 10.87 12.82 -10.35
N PRO A 175 10.52 14.06 -10.73
CA PRO A 175 10.55 15.15 -9.75
C PRO A 175 9.55 14.92 -8.61
N VAL A 176 10.05 14.81 -7.38
CA VAL A 176 9.23 14.72 -6.17
C VAL A 176 9.55 15.93 -5.30
N VAL A 177 8.57 16.81 -5.13
CA VAL A 177 8.82 18.15 -4.58
C VAL A 177 8.05 18.44 -3.30
N LEU A 178 8.74 18.91 -2.28
CA LEU A 178 8.08 19.39 -1.05
C LEU A 178 7.63 20.84 -1.25
N ALA A 179 6.35 21.12 -0.98
CA ALA A 179 5.83 22.48 -1.12
C ALA A 179 4.74 22.75 -0.09
N ASP A 180 4.50 24.01 0.24
CA ASP A 180 3.34 24.27 1.08
C ASP A 180 2.13 24.51 0.19
N ARG A 181 0.95 24.55 0.80
CA ARG A 181 -0.30 24.50 0.05
C ARG A 181 -0.48 25.63 -0.97
N GLU A 182 -0.20 26.87 -0.58
CA GLU A 182 -0.47 28.03 -1.45
C GLU A 182 0.55 28.13 -2.57
N GLU A 183 1.79 27.80 -2.22
CA GLU A 183 2.86 27.60 -3.19
C GLU A 183 2.36 26.64 -4.28
N ALA A 184 1.83 25.50 -3.86
CA ALA A 184 1.36 24.51 -4.83
C ALA A 184 0.18 25.00 -5.67
N VAL A 185 -0.84 25.58 -5.03
CA VAL A 185 -2.01 25.99 -5.80
C VAL A 185 -1.65 27.15 -6.74
N SER A 186 -0.83 28.08 -6.27
CA SER A 186 -0.45 29.18 -7.14
C SER A 186 0.41 28.66 -8.28
N PHE A 187 1.25 27.67 -7.99
CA PHE A 187 2.01 26.99 -9.03
C PHE A 187 1.12 26.44 -10.13
N LEU A 188 0.09 25.69 -9.76
CA LEU A 188 -0.78 25.10 -10.78
C LEU A 188 -1.51 26.21 -11.54
N ARG A 189 -1.89 27.27 -10.84
CA ARG A 189 -2.61 28.36 -11.46
C ARG A 189 -1.73 29.00 -12.52
N ASP A 190 -0.52 29.36 -12.11
CA ASP A 190 0.44 30.04 -12.96
C ASP A 190 0.90 29.19 -14.13
N ASN A 191 0.59 27.91 -14.12
CA ASN A 191 0.96 27.04 -15.22
C ASN A 191 -0.23 26.55 -16.01
N ASP A 192 -1.41 27.04 -15.64
CA ASP A 192 -2.65 26.69 -16.33
C ASP A 192 -2.93 25.19 -16.28
N ILE A 193 -2.69 24.59 -15.11
CA ILE A 193 -2.95 23.17 -14.89
C ILE A 193 -4.17 23.03 -14.02
N ALA A 194 -5.28 22.60 -14.61
CA ALA A 194 -6.52 22.43 -13.88
C ALA A 194 -6.35 21.30 -12.90
N LEU A 195 -6.90 21.45 -11.70
CA LEU A 195 -6.75 20.39 -10.73
C LEU A 195 -8.12 19.82 -10.45
N MET A 196 -8.14 18.54 -10.13
CA MET A 196 -9.35 17.93 -9.64
C MET A 196 -9.04 17.22 -8.34
N VAL A 197 -10.02 17.17 -7.46
CA VAL A 197 -9.83 16.62 -6.15
C VAL A 197 -10.52 15.27 -6.09
N LEU A 198 -9.82 14.26 -5.57
CA LEU A 198 -10.44 12.98 -5.35
C LEU A 198 -11.22 12.97 -4.04
N ASP A 199 -12.48 12.56 -4.10
CA ASP A 199 -13.31 12.53 -2.90
C ASP A 199 -14.56 11.71 -3.18
N THR A 200 -15.30 11.32 -2.13
CA THR A 200 -16.55 10.58 -2.31
C THR A 200 -17.60 11.43 -3.01
N ASP A 201 -18.57 10.76 -3.64
CA ASP A 201 -19.57 11.39 -4.53
C ASP A 201 -19.22 12.77 -5.09
N GLY A 202 -18.15 12.79 -5.87
CA GLY A 202 -17.77 13.95 -6.64
C GLY A 202 -18.53 13.98 -7.96
N ASP A 203 -18.23 14.99 -8.77
CA ASP A 203 -18.94 15.27 -10.00
C ASP A 203 -18.64 14.27 -11.11
N LEU A 204 -17.40 13.77 -11.12
CA LEU A 204 -16.92 12.96 -12.24
C LEU A 204 -16.49 11.57 -11.76
N GLY A 205 -16.93 10.54 -12.47
CA GLY A 205 -16.49 9.19 -12.21
C GLY A 205 -15.05 9.04 -12.68
N VAL A 206 -14.26 8.26 -11.95
CA VAL A 206 -12.85 8.13 -12.30
C VAL A 206 -12.75 7.57 -13.72
N LYS A 207 -13.76 6.79 -14.11
CA LYS A 207 -13.78 6.19 -15.44
C LYS A 207 -13.79 7.27 -16.54
N ASP A 208 -14.15 8.50 -16.20
CA ASP A 208 -14.20 9.54 -17.22
C ASP A 208 -12.96 10.42 -17.24
N LEU A 209 -11.98 10.12 -16.39
CA LEU A 209 -10.78 10.94 -16.25
C LEU A 209 -9.97 11.05 -17.55
N GLY A 210 -9.91 9.97 -18.31
CA GLY A 210 -9.15 9.97 -19.54
C GLY A 210 -9.75 10.80 -20.68
N ASP A 211 -11.00 11.23 -20.53
CA ASP A 211 -11.70 12.00 -21.58
C ASP A 211 -10.95 13.30 -21.82
N ARG A 212 -10.50 13.90 -20.73
CA ARG A 212 -9.82 15.17 -20.75
C ARG A 212 -8.47 15.04 -21.42
N ALA A 213 -8.27 15.77 -22.52
CA ALA A 213 -7.04 15.68 -23.30
C ALA A 213 -5.86 16.39 -22.62
N ASP A 214 -6.13 17.50 -21.97
CA ASP A 214 -5.04 18.28 -21.38
C ASP A 214 -4.49 17.60 -20.11
N ARG A 215 -3.29 18.00 -19.69
CA ARG A 215 -2.71 17.47 -18.46
C ARG A 215 -3.50 18.08 -17.30
N MET A 216 -3.49 17.43 -16.15
CA MET A 216 -4.24 17.92 -15.01
C MET A 216 -3.48 17.56 -13.77
N ALA A 217 -3.84 18.20 -12.66
CA ALA A 217 -3.29 17.80 -11.39
C ALA A 217 -4.39 17.02 -10.70
N LEU A 218 -4.01 15.99 -9.97
CA LEU A 218 -4.95 15.20 -9.20
C LEU A 218 -4.53 15.30 -7.75
N VAL A 219 -5.44 15.74 -6.89
CA VAL A 219 -5.12 15.96 -5.48
C VAL A 219 -5.74 14.91 -4.57
N PHE A 220 -4.91 14.28 -3.75
CA PHE A 220 -5.38 13.21 -2.88
C PHE A 220 -5.10 13.65 -1.46
N GLY A 221 -6.09 13.57 -0.59
CA GLY A 221 -5.87 13.86 0.81
C GLY A 221 -5.67 12.55 1.52
N SER A 222 -5.23 12.58 2.77
CA SER A 222 -5.19 11.37 3.55
C SER A 222 -6.66 11.17 3.83
N GLU A 223 -7.07 10.06 4.41
CA GLU A 223 -8.43 10.05 4.95
C GLU A 223 -8.44 10.09 6.46
N LYS A 224 -7.37 10.66 6.99
CA LYS A 224 -7.34 11.21 8.33
C LYS A 224 -7.86 12.64 8.27
N GLY A 225 -8.51 12.99 7.17
CA GLY A 225 -9.07 14.32 7.00
C GLY A 225 -9.54 14.71 5.62
N GLY A 226 -9.11 13.95 4.61
CA GLY A 226 -9.44 14.27 3.22
C GLY A 226 -8.64 15.46 2.69
N PRO A 227 -9.09 16.02 1.56
CA PRO A 227 -8.45 17.18 0.93
C PRO A 227 -8.72 18.45 1.73
N SER A 228 -7.82 19.43 1.61
CA SER A 228 -7.91 20.64 2.39
C SER A 228 -8.53 21.81 1.61
N GLY A 229 -8.79 22.91 2.32
CA GLY A 229 -9.59 24.02 1.82
C GLY A 229 -9.12 24.73 0.56
N LEU A 230 -7.87 25.17 0.55
CA LEU A 230 -7.36 25.94 -0.60
C LEU A 230 -7.51 25.19 -1.93
N PHE A 231 -7.29 23.87 -1.89
CA PHE A 231 -7.39 23.03 -3.10
C PHE A 231 -8.83 22.89 -3.59
N GLN A 232 -9.71 22.53 -2.66
CA GLN A 232 -11.15 22.54 -2.89
C GLN A 232 -11.57 23.78 -3.65
N GLU A 233 -11.10 24.92 -3.17
CA GLU A 233 -11.51 26.20 -3.71
C GLU A 233 -10.95 26.47 -5.11
N ALA A 234 -9.80 25.88 -5.43
CA ALA A 234 -9.24 26.06 -6.77
C ALA A 234 -9.73 25.00 -7.75
N SER A 235 -10.43 24.00 -7.24
CA SER A 235 -10.75 22.81 -8.02
C SER A 235 -11.68 23.03 -9.20
N ALA A 236 -11.39 22.31 -10.29
CA ALA A 236 -12.24 22.29 -11.48
C ALA A 236 -13.22 21.11 -11.41
N GLY A 237 -13.27 20.47 -10.25
CA GLY A 237 -14.25 19.42 -10.04
C GLY A 237 -13.74 18.32 -9.10
N THR A 238 -14.67 17.53 -8.60
CA THR A 238 -14.36 16.39 -7.75
C THR A 238 -14.50 15.10 -8.55
N VAL A 239 -13.60 14.14 -8.29
CA VAL A 239 -13.64 12.86 -8.98
C VAL A 239 -13.79 11.78 -7.94
N SER A 240 -14.63 10.80 -8.23
CA SER A 240 -14.91 9.74 -7.27
C SER A 240 -14.62 8.40 -7.88
N ILE A 241 -14.10 7.49 -7.05
CA ILE A 241 -14.02 6.08 -7.40
C ILE A 241 -15.23 5.41 -6.78
N PRO A 242 -16.08 4.82 -7.62
CA PRO A 242 -17.29 4.14 -7.16
C PRO A 242 -16.94 2.99 -6.24
N MET A 243 -17.65 2.93 -5.11
CA MET A 243 -17.46 1.84 -4.17
C MET A 243 -18.79 1.22 -3.82
N LEU A 244 -18.74 0.15 -3.04
CA LEU A 244 -19.91 -0.64 -2.74
C LEU A 244 -20.91 0.25 -1.99
N SER A 245 -20.44 0.91 -0.93
CA SER A 245 -21.26 1.81 -0.12
C SER A 245 -20.63 3.20 -0.08
N SER A 246 -21.47 4.21 0.10
CA SER A 246 -20.98 5.59 0.13
C SER A 246 -20.06 5.80 1.33
N THR A 247 -20.16 4.90 2.31
CA THR A 247 -19.39 5.03 3.55
C THR A 247 -18.04 4.32 3.56
N GLU A 248 -17.68 3.71 2.44
CA GLU A 248 -16.38 3.03 2.37
C GLU A 248 -15.29 3.97 1.93
N SER A 249 -14.05 3.52 2.11
CA SER A 249 -12.90 4.28 1.65
C SER A 249 -11.78 3.34 1.21
N LEU A 250 -10.86 3.87 0.43
CA LEU A 250 -9.69 3.11 0.01
C LEU A 250 -8.44 3.79 0.58
N ASN A 251 -7.40 3.00 0.80
CA ASN A 251 -6.07 3.50 1.12
C ASN A 251 -5.68 4.50 0.02
N VAL A 252 -5.02 5.63 0.36
CA VAL A 252 -4.70 6.68 -0.62
C VAL A 252 -3.83 6.19 -1.80
N SER A 253 -2.88 5.31 -1.51
CA SER A 253 -2.02 4.75 -2.56
C SER A 253 -2.85 3.96 -3.58
N VAL A 254 -3.79 3.14 -3.10
CA VAL A 254 -4.74 2.48 -3.98
C VAL A 254 -5.52 3.47 -4.88
N SER A 255 -5.99 4.58 -4.30
CA SER A 255 -6.74 5.57 -5.07
C SER A 255 -5.89 6.21 -6.13
N VAL A 256 -4.62 6.50 -5.77
CA VAL A 256 -3.69 7.03 -6.76
C VAL A 256 -3.48 6.07 -7.96
N GLY A 257 -3.40 4.77 -7.69
CA GLY A 257 -3.13 3.81 -8.76
C GLY A 257 -4.34 3.77 -9.68
N ILE A 258 -5.53 3.77 -9.08
CA ILE A 258 -6.76 3.67 -9.87
C ILE A 258 -6.93 4.90 -10.76
N ALA A 259 -6.73 6.08 -10.18
CA ALA A 259 -6.87 7.33 -10.91
C ALA A 259 -5.81 7.42 -12.01
N LEU A 260 -4.58 7.07 -11.67
CA LEU A 260 -3.52 7.18 -12.67
C LEU A 260 -3.66 6.10 -13.76
N HIS A 261 -4.21 4.95 -13.41
CA HIS A 261 -4.48 3.97 -14.43
C HIS A 261 -5.48 4.52 -15.47
N GLU A 262 -6.47 5.24 -15.00
CA GLU A 262 -7.47 5.86 -15.88
C GLU A 262 -6.85 6.94 -16.76
N ARG A 263 -5.82 7.63 -16.27
CA ARG A 263 -5.13 8.63 -17.07
C ARG A 263 -3.96 8.06 -17.85
N SER A 264 -3.71 6.76 -17.73
CA SER A 264 -2.52 6.16 -18.35
C SER A 264 -2.41 6.43 -19.88
N ALA A 265 -3.53 6.42 -20.58
CA ALA A 265 -3.47 6.69 -22.03
C ALA A 265 -2.92 8.09 -22.27
N ARG A 266 -3.43 9.10 -21.57
CA ARG A 266 -2.91 10.46 -21.72
C ARG A 266 -1.44 10.60 -21.36
N ASN A 267 -1.02 10.02 -20.22
CA ASN A 267 0.37 10.18 -19.80
C ASN A 267 1.40 9.35 -20.60
N PHE A 268 1.05 8.13 -20.95
CA PHE A 268 1.91 7.33 -21.80
C PHE A 268 2.20 8.08 -23.12
N ALA A 269 1.20 8.72 -23.70
CA ALA A 269 1.43 9.52 -24.91
C ALA A 269 2.43 10.65 -24.67
N VAL A 270 2.32 11.35 -23.54
CA VAL A 270 3.29 12.40 -23.20
C VAL A 270 4.71 11.83 -23.02
N ARG A 271 4.78 10.70 -22.33
CA ARG A 271 6.07 10.06 -22.04
C ARG A 271 6.74 9.55 -23.32
N ARG A 272 5.91 8.97 -24.18
CA ARG A 272 6.32 8.47 -25.49
C ARG A 272 6.95 9.62 -26.27
N ALA A 273 6.28 10.76 -26.27
CA ALA A 273 6.75 11.92 -27.03
C ALA A 273 8.05 12.49 -26.47
N ALA A 274 8.18 12.53 -25.15
CA ALA A 274 9.38 13.07 -24.54
C ALA A 274 10.58 12.17 -24.80
N ALA A 275 10.32 10.88 -24.89
CA ALA A 275 11.40 9.93 -25.12
C ALA A 275 12.03 10.19 -26.50
N GLN A 276 11.23 10.78 -27.39
CA GLN A 276 11.67 11.06 -28.76
C GLN A 276 12.11 12.49 -28.98
N ALA A 277 12.30 13.24 -27.90
CA ALA A 277 12.76 14.62 -28.03
C ALA A 277 14.19 14.77 -27.53
N ILE B 9 -23.27 5.14 31.52
CA ILE B 9 -21.93 4.60 31.24
C ILE B 9 -21.06 4.60 32.52
N ILE B 10 -21.01 3.46 33.22
CA ILE B 10 -20.31 3.35 34.51
C ILE B 10 -18.79 3.37 34.34
N THR B 11 -18.07 3.73 35.39
CA THR B 11 -16.61 3.78 35.28
C THR B 11 -15.89 2.82 36.24
N ASN B 12 -14.83 2.20 35.71
CA ASN B 12 -14.00 1.25 36.45
C ASN B 12 -12.76 1.93 37.01
N ALA B 13 -12.62 1.87 38.32
CA ALA B 13 -11.50 2.49 39.03
C ALA B 13 -10.54 1.42 39.57
N SER B 14 -11.06 0.20 39.72
CA SER B 14 -10.36 -0.89 40.41
C SER B 14 -9.29 -1.57 39.59
N ASP B 15 -9.30 -2.90 39.64
CA ASP B 15 -8.39 -3.74 38.87
C ASP B 15 -8.97 -5.13 38.56
N PRO B 16 -9.91 -5.60 39.40
CA PRO B 16 -10.80 -6.70 38.98
C PRO B 16 -12.14 -6.17 38.46
N ALA B 17 -12.92 -6.97 37.72
CA ALA B 17 -12.56 -8.33 37.36
C ALA B 17 -12.51 -8.49 35.85
N VAL B 18 -12.97 -7.45 35.14
CA VAL B 18 -12.88 -7.45 33.68
C VAL B 18 -11.65 -6.69 33.18
N GLN B 19 -10.83 -6.20 34.12
CA GLN B 19 -9.47 -5.79 33.78
C GLN B 19 -8.66 -7.04 33.57
N ARG B 20 -8.88 -8.02 34.43
CA ARG B 20 -8.18 -9.30 34.35
C ARG B 20 -8.44 -9.97 33.01
N ILE B 21 -9.71 -10.01 32.61
CA ILE B 21 -10.09 -10.69 31.36
C ILE B 21 -9.48 -10.00 30.14
N ILE B 22 -9.42 -8.67 30.17
CA ILE B 22 -8.72 -7.90 29.14
C ILE B 22 -7.27 -8.39 28.98
N ASP B 23 -6.55 -8.49 30.10
CA ASP B 23 -5.16 -8.95 30.08
C ASP B 23 -5.04 -10.39 29.60
N VAL B 24 -5.99 -11.22 30.03
CA VAL B 24 -5.96 -12.64 29.69
C VAL B 24 -6.08 -12.91 28.18
N THR B 25 -6.66 -11.98 27.44
CA THR B 25 -6.83 -12.19 26.00
C THR B 25 -5.86 -11.37 25.14
N LYS B 26 -5.09 -10.49 25.78
CA LYS B 26 -4.18 -9.62 25.05
C LYS B 26 -2.73 -10.10 25.10
N ALA B 30 -7.03 -20.30 26.80
CA ALA B 30 -7.37 -20.05 25.41
C ALA B 30 -8.39 -18.93 25.25
N SER B 31 -7.87 -17.75 24.94
CA SER B 31 -8.61 -16.81 24.15
C SER B 31 -8.09 -17.10 22.75
N ILE B 32 -8.87 -17.87 22.01
CA ILE B 32 -8.66 -18.12 20.60
C ILE B 32 -10.02 -17.80 20.05
N LYS B 33 -10.97 -17.76 20.99
CA LYS B 33 -12.35 -17.41 20.70
C LYS B 33 -12.70 -15.99 21.19
N THR B 34 -11.74 -15.30 21.79
CA THR B 34 -11.92 -13.88 22.14
C THR B 34 -10.68 -13.02 21.84
N THR B 35 -10.92 -11.79 21.35
CA THR B 35 -9.85 -10.83 21.06
C THR B 35 -10.16 -9.38 21.51
N LEU B 36 -9.30 -8.46 21.10
CA LEU B 36 -9.41 -7.05 21.50
C LEU B 36 -9.39 -6.12 20.30
N ILE B 37 -10.56 -5.59 19.93
CA ILE B 37 -10.63 -4.69 18.79
C ILE B 37 -10.53 -3.23 19.21
N GLU B 38 -9.54 -2.54 18.67
CA GLU B 38 -9.23 -1.19 19.10
C GLU B 38 -9.73 -0.10 18.15
N ASP B 39 -9.98 1.08 18.71
CA ASP B 39 -10.43 2.27 17.97
C ASP B 39 -11.91 2.31 17.61
N THR B 40 -12.43 3.52 17.48
CA THR B 40 -13.87 3.73 17.30
C THR B 40 -14.44 3.19 15.98
N GLU B 41 -13.80 3.52 14.87
CA GLU B 41 -14.33 3.08 13.59
C GLU B 41 -14.20 1.56 13.37
N PRO B 42 -13.04 0.99 13.70
CA PRO B 42 -12.89 -0.47 13.56
C PRO B 42 -13.89 -1.22 14.43
N LEU B 43 -14.21 -0.69 15.61
CA LEU B 43 -15.21 -1.29 16.48
C LEU B 43 -16.59 -1.31 15.83
N MET B 44 -16.99 -0.18 15.29
CA MET B 44 -18.29 -0.09 14.63
C MET B 44 -18.40 -1.00 13.41
N GLU B 45 -17.32 -1.10 12.62
CA GLU B 45 -17.32 -2.04 11.51
C GLU B 45 -17.54 -3.49 11.96
N CYS B 46 -16.75 -3.94 12.91
CA CYS B 46 -16.92 -5.29 13.46
C CYS B 46 -18.34 -5.55 13.96
N ILE B 47 -18.89 -4.58 14.70
CA ILE B 47 -20.26 -4.72 15.21
C ILE B 47 -21.25 -4.87 14.06
N ARG B 48 -21.19 -3.97 13.08
CA ARG B 48 -22.03 -4.06 11.89
C ARG B 48 -21.89 -5.39 11.18
N ALA B 49 -20.69 -5.95 11.23
CA ALA B 49 -20.41 -7.19 10.51
C ALA B 49 -20.98 -8.38 11.26
N GLY B 50 -21.54 -8.14 12.44
CA GLY B 50 -22.14 -9.20 13.23
C GLY B 50 -21.23 -9.85 14.26
N VAL B 51 -20.06 -9.24 14.49
CA VAL B 51 -19.16 -9.74 15.53
C VAL B 51 -19.82 -9.55 16.90
N GLN B 52 -19.74 -10.58 17.74
CA GLN B 52 -20.43 -10.58 19.01
C GLN B 52 -19.52 -10.04 20.09
N PHE B 53 -19.89 -8.89 20.63
CA PHE B 53 -19.08 -8.23 21.61
C PHE B 53 -19.52 -8.50 23.04
N ILE B 54 -18.52 -8.64 23.90
CA ILE B 54 -18.71 -8.87 25.30
C ILE B 54 -18.92 -7.53 25.99
N GLU B 55 -18.05 -6.58 25.68
CA GLU B 55 -18.12 -5.25 26.26
C GLU B 55 -17.15 -4.29 25.58
N VAL B 56 -17.54 -3.02 25.52
CA VAL B 56 -16.68 -2.00 24.96
C VAL B 56 -16.31 -0.96 26.00
N TYR B 57 -15.12 -0.39 25.85
CA TYR B 57 -14.58 0.47 26.89
C TYR B 57 -14.04 1.74 26.29
N GLY B 58 -14.14 2.82 27.04
CA GLY B 58 -13.50 4.08 26.69
C GLY B 58 -12.64 4.50 27.86
N SER B 59 -11.93 5.61 27.70
CA SER B 59 -11.11 6.16 28.78
C SER B 59 -11.80 7.30 29.50
N SER B 60 -11.82 7.23 30.83
CA SER B 60 -12.37 8.33 31.63
C SER B 60 -11.76 9.64 31.17
N GLY B 61 -12.59 10.67 31.04
CA GLY B 61 -12.13 11.99 30.63
C GLY B 61 -12.51 12.37 29.21
N THR B 62 -12.03 11.59 28.24
CA THR B 62 -12.36 11.79 26.84
C THR B 62 -13.52 10.89 26.45
N PRO B 63 -14.58 11.50 25.87
CA PRO B 63 -15.90 10.91 25.68
C PRO B 63 -15.98 9.94 24.51
N LEU B 64 -16.88 8.97 24.64
CA LEU B 64 -17.11 7.99 23.59
C LEU B 64 -17.96 8.57 22.48
N ASP B 65 -17.54 8.31 21.24
CA ASP B 65 -18.31 8.68 20.07
C ASP B 65 -19.78 8.32 20.27
N PRO B 66 -20.68 9.30 20.08
CA PRO B 66 -22.11 9.02 20.32
C PRO B 66 -22.65 7.94 19.39
N ALA B 67 -22.21 7.95 18.14
CA ALA B 67 -22.66 6.97 17.14
C ALA B 67 -22.27 5.56 17.56
N LEU B 68 -21.11 5.44 18.20
CA LEU B 68 -20.69 4.17 18.80
C LEU B 68 -21.61 3.77 19.96
N LEU B 69 -21.90 4.74 20.83
CA LEU B 69 -22.77 4.47 21.99
C LEU B 69 -24.15 4.07 21.54
N ASP B 70 -24.64 4.74 20.50
CA ASP B 70 -25.96 4.45 19.94
C ASP B 70 -25.98 3.04 19.39
N LEU B 71 -24.96 2.68 18.62
CA LEU B 71 -24.88 1.34 18.08
C LEU B 71 -24.81 0.33 19.20
N CYS B 72 -23.99 0.62 20.21
CA CYS B 72 -23.85 -0.31 21.33
C CYS B 72 -25.19 -0.43 22.04
N ARG B 73 -25.90 0.68 22.13
CA ARG B 73 -27.23 0.73 22.74
C ARG B 73 -28.26 -0.12 21.98
N GLN B 74 -28.26 0.00 20.65
CA GLN B 74 -29.18 -0.75 19.79
C GLN B 74 -28.89 -2.25 19.80
N ARG B 75 -27.61 -2.60 19.83
CA ARG B 75 -27.23 -3.95 20.17
C ARG B 75 -27.33 -3.88 21.69
N GLU B 76 -27.15 -4.98 22.40
CA GLU B 76 -27.19 -4.89 23.85
C GLU B 76 -25.78 -5.03 24.37
N ILE B 77 -24.89 -4.17 23.90
CA ILE B 77 -23.49 -4.32 24.23
C ILE B 77 -23.16 -3.34 25.32
N PRO B 78 -22.79 -3.85 26.50
CA PRO B 78 -22.46 -2.98 27.64
C PRO B 78 -21.20 -2.16 27.36
N VAL B 79 -21.21 -0.92 27.81
CA VAL B 79 -20.08 -0.02 27.64
C VAL B 79 -19.66 0.55 28.99
N ARG B 80 -18.38 0.48 29.32
CA ARG B 80 -17.91 1.13 30.54
C ARG B 80 -16.63 1.90 30.35
N LEU B 81 -16.46 2.98 31.11
CA LEU B 81 -15.21 3.71 31.06
C LEU B 81 -14.24 3.04 32.01
N ILE B 82 -12.95 3.19 31.69
CA ILE B 82 -11.90 2.66 32.51
C ILE B 82 -10.99 3.81 32.89
N ASP B 83 -10.60 3.84 34.16
CA ASP B 83 -9.70 4.88 34.65
C ASP B 83 -8.49 4.97 33.74
N VAL B 84 -8.18 6.20 33.33
CA VAL B 84 -7.08 6.46 32.41
C VAL B 84 -5.78 5.79 32.85
N SER B 85 -5.66 5.51 34.14
CA SER B 85 -4.41 4.98 34.68
C SER B 85 -4.35 3.46 34.56
N ILE B 86 -5.51 2.82 34.50
CA ILE B 86 -5.55 1.38 34.31
C ILE B 86 -5.30 1.04 32.84
N VAL B 87 -5.82 1.88 31.96
CA VAL B 87 -5.63 1.71 30.53
C VAL B 87 -4.13 1.72 30.20
N ASN B 88 -3.43 2.72 30.70
CA ASN B 88 -1.99 2.80 30.54
C ASN B 88 -1.23 1.58 31.07
N GLN B 89 -1.85 0.85 31.99
CA GLN B 89 -1.29 -0.41 32.48
C GLN B 89 -1.65 -1.58 31.57
N LEU B 90 -2.78 -1.44 30.87
CA LEU B 90 -3.22 -2.47 29.95
C LEU B 90 -2.37 -2.42 28.69
N PHE B 91 -1.92 -1.22 28.34
CA PHE B 91 -1.19 -1.01 27.08
C PHE B 91 0.23 -0.48 27.31
N ALA B 97 -6.45 1.32 22.29
CA ALA B 97 -5.82 2.60 22.64
C ALA B 97 -6.64 3.35 23.69
N LYS B 98 -7.50 4.25 23.23
CA LYS B 98 -8.38 5.02 24.12
C LYS B 98 -9.80 4.44 24.15
N VAL B 99 -10.18 3.78 23.06
CA VAL B 99 -11.44 3.01 23.00
C VAL B 99 -11.12 1.63 22.46
N PHE B 100 -11.75 0.62 23.03
CA PHE B 100 -11.49 -0.74 22.57
C PHE B 100 -12.61 -1.60 23.08
N GLY B 101 -12.63 -2.85 22.63
CA GLY B 101 -13.69 -3.77 22.99
C GLY B 101 -13.20 -5.20 23.00
N ILE B 102 -13.96 -6.07 23.62
CA ILE B 102 -13.60 -7.47 23.70
C ILE B 102 -14.73 -8.26 23.05
N ALA B 103 -14.38 -9.17 22.14
CA ALA B 103 -15.36 -9.79 21.26
C ALA B 103 -15.08 -11.28 21.11
N ARG B 104 -16.09 -12.04 20.70
CA ARG B 104 -15.88 -13.43 20.33
C ARG B 104 -15.39 -13.51 18.87
N VAL B 105 -14.31 -14.25 18.64
CA VAL B 105 -13.86 -14.45 17.26
C VAL B 105 -14.88 -15.26 16.50
N PRO B 106 -15.39 -14.71 15.39
CA PRO B 106 -16.38 -15.45 14.61
C PRO B 106 -15.79 -16.78 14.17
N ARG B 107 -16.64 -17.74 13.89
CA ARG B 107 -16.18 -18.99 13.30
C ARG B 107 -15.47 -18.62 12.00
N PRO B 108 -14.22 -19.09 11.83
CA PRO B 108 -13.43 -18.87 10.63
C PRO B 108 -14.23 -19.12 9.36
N ALA B 109 -14.16 -18.20 8.40
CA ALA B 109 -14.76 -18.41 7.09
C ALA B 109 -14.10 -19.61 6.43
N ARG B 110 -14.85 -20.33 5.62
CA ARG B 110 -14.24 -21.38 4.81
C ARG B 110 -14.35 -21.02 3.34
N LEU B 111 -13.59 -21.73 2.50
CA LEU B 111 -13.50 -21.40 1.08
C LEU B 111 -14.87 -21.43 0.46
N ALA B 112 -15.71 -22.36 0.89
CA ALA B 112 -17.04 -22.47 0.32
C ALA B 112 -17.84 -21.19 0.55
N ASP B 113 -17.60 -20.53 1.68
CA ASP B 113 -18.28 -19.26 1.95
C ASP B 113 -18.01 -18.25 0.84
N ILE B 114 -16.81 -18.30 0.27
CA ILE B 114 -16.47 -17.39 -0.80
C ILE B 114 -17.24 -17.73 -2.08
N ALA B 115 -17.33 -19.01 -2.40
CA ALA B 115 -18.02 -19.42 -3.62
C ALA B 115 -19.51 -19.13 -3.52
N GLU B 116 -20.11 -19.34 -2.35
CA GLU B 116 -21.55 -19.13 -2.24
C GLU B 116 -21.98 -17.66 -2.39
N ARG B 117 -21.14 -16.76 -1.88
CA ARG B 117 -21.46 -15.33 -1.92
C ARG B 117 -21.53 -14.82 -3.35
N GLY B 118 -20.74 -15.40 -4.23
CA GLY B 118 -20.70 -14.97 -5.62
C GLY B 118 -19.79 -13.77 -5.77
N GLY B 119 -19.27 -13.58 -6.98
CA GLY B 119 -18.36 -12.47 -7.24
C GLY B 119 -16.94 -12.98 -7.35
N ASP B 120 -16.02 -12.08 -7.71
CA ASP B 120 -14.63 -12.46 -7.96
C ASP B 120 -13.93 -12.88 -6.68
N VAL B 121 -12.92 -13.72 -6.84
CA VAL B 121 -12.13 -14.17 -5.70
C VAL B 121 -10.74 -13.55 -5.77
N VAL B 122 -10.29 -12.98 -4.67
CA VAL B 122 -8.95 -12.44 -4.61
C VAL B 122 -8.04 -13.44 -3.91
N VAL B 123 -7.01 -13.90 -4.61
CA VAL B 123 -6.02 -14.77 -4.00
C VAL B 123 -4.70 -14.03 -3.87
N LEU B 124 -4.17 -13.96 -2.66
CA LEU B 124 -2.83 -13.45 -2.47
C LEU B 124 -1.88 -14.64 -2.29
N ASP B 125 -0.78 -14.63 -3.01
CA ASP B 125 0.14 -15.78 -3.00
C ASP B 125 1.50 -15.30 -2.53
N GLY B 126 1.79 -15.55 -1.27
CA GLY B 126 3.08 -15.17 -0.73
C GLY B 126 3.08 -13.76 -0.18
N VAL B 127 1.90 -13.13 -0.15
CA VAL B 127 1.83 -11.78 0.43
C VAL B 127 1.83 -11.83 1.95
N LYS B 128 2.86 -11.27 2.56
CA LYS B 128 3.10 -11.47 4.00
C LYS B 128 3.07 -10.19 4.83
N ILE B 129 3.30 -9.05 4.19
CA ILE B 129 3.37 -7.80 4.93
C ILE B 129 1.95 -7.43 5.32
N VAL B 130 1.63 -7.45 6.61
CA VAL B 130 0.23 -7.40 7.02
C VAL B 130 -0.47 -6.11 6.61
N GLY B 131 0.27 -5.01 6.51
CA GLY B 131 -0.32 -3.75 6.08
C GLY B 131 -0.86 -3.79 4.65
N ASN B 132 -0.15 -4.50 3.77
CA ASN B 132 -0.62 -4.78 2.41
C ASN B 132 -1.86 -5.66 2.46
N ILE B 133 -1.80 -6.74 3.24
CA ILE B 133 -2.95 -7.60 3.41
C ILE B 133 -4.17 -6.81 3.88
N GLY B 134 -3.99 -6.01 4.92
CA GLY B 134 -5.08 -5.23 5.47
C GLY B 134 -5.68 -4.22 4.48
N ALA B 135 -4.82 -3.54 3.73
CA ALA B 135 -5.31 -2.60 2.72
C ALA B 135 -6.07 -3.35 1.63
N ILE B 136 -5.58 -4.53 1.27
CA ILE B 136 -6.25 -5.37 0.28
C ILE B 136 -7.62 -5.85 0.78
N VAL B 137 -7.72 -6.19 2.07
CA VAL B 137 -9.04 -6.53 2.61
C VAL B 137 -10.05 -5.39 2.41
N ARG B 138 -9.62 -4.15 2.68
CA ARG B 138 -10.51 -2.98 2.56
C ARG B 138 -10.87 -2.71 1.11
N THR B 139 -9.89 -2.82 0.22
CA THR B 139 -10.15 -2.67 -1.22
C THR B 139 -11.12 -3.72 -1.74
N SER B 140 -10.90 -4.97 -1.36
CA SER B 140 -11.72 -6.09 -1.82
C SER B 140 -13.16 -5.92 -1.38
N LEU B 141 -13.36 -5.41 -0.18
CA LEU B 141 -14.69 -5.16 0.33
C LEU B 141 -15.31 -3.99 -0.44
N ALA B 142 -14.59 -2.89 -0.50
CA ALA B 142 -15.08 -1.65 -1.12
C ALA B 142 -15.44 -1.84 -2.59
N LEU B 143 -14.69 -2.68 -3.28
CA LEU B 143 -14.86 -2.81 -4.72
C LEU B 143 -15.69 -4.05 -5.08
N GLY B 144 -16.21 -4.72 -4.06
CA GLY B 144 -17.24 -5.72 -4.22
C GLY B 144 -16.82 -7.18 -4.44
N ALA B 145 -15.59 -7.53 -4.07
CA ALA B 145 -15.14 -8.91 -4.29
C ALA B 145 -15.88 -9.89 -3.38
N ALA B 146 -16.00 -11.15 -3.81
CA ALA B 146 -16.64 -12.17 -2.97
C ALA B 146 -15.87 -12.40 -1.68
N GLY B 147 -14.54 -12.46 -1.78
CA GLY B 147 -13.74 -12.84 -0.64
C GLY B 147 -12.27 -12.91 -1.00
N ILE B 148 -11.46 -13.30 -0.02
CA ILE B 148 -10.01 -13.28 -0.14
C ILE B 148 -9.44 -14.62 0.35
N VAL B 149 -8.55 -15.21 -0.45
CA VAL B 149 -7.85 -16.43 -0.06
C VAL B 149 -6.41 -16.03 0.17
N LEU B 150 -5.88 -16.34 1.35
CA LEU B 150 -4.53 -15.98 1.69
C LEU B 150 -3.66 -17.23 1.70
N VAL B 151 -2.75 -17.32 0.73
CA VAL B 151 -1.82 -18.45 0.62
C VAL B 151 -0.44 -18.00 1.06
N ASP B 152 0.19 -18.76 1.97
CA ASP B 152 1.55 -18.45 2.38
C ASP B 152 1.68 -17.06 2.96
N SER B 153 0.67 -16.65 3.74
CA SER B 153 0.63 -15.30 4.29
C SER B 153 1.44 -15.22 5.59
N ASP B 154 1.72 -16.38 6.17
CA ASP B 154 2.39 -16.46 7.48
C ASP B 154 1.54 -15.99 8.66
N LEU B 155 0.24 -16.10 8.50
CA LEU B 155 -0.68 -15.80 9.58
C LEU B 155 -1.26 -17.08 10.14
N ALA B 156 -1.51 -17.09 11.44
CA ALA B 156 -2.15 -18.23 12.09
C ALA B 156 -3.66 -18.17 11.90
N THR B 157 -4.23 -17.00 12.17
CA THR B 157 -5.67 -16.78 11.97
C THR B 157 -5.87 -15.42 11.34
N ILE B 158 -6.97 -15.24 10.63
CA ILE B 158 -7.31 -13.90 10.14
C ILE B 158 -7.59 -12.98 11.31
N ALA B 159 -7.87 -13.56 12.49
CA ALA B 159 -8.18 -12.74 13.67
C ALA B 159 -6.93 -12.13 14.29
N ASP B 160 -5.78 -12.35 13.65
CA ASP B 160 -4.51 -11.82 14.13
C ASP B 160 -4.59 -10.31 14.38
N ARG B 161 -4.21 -9.87 15.58
CA ARG B 161 -4.36 -8.47 15.97
C ARG B 161 -3.67 -7.45 15.05
N ARG B 162 -2.58 -7.85 14.40
CA ARG B 162 -1.93 -6.97 13.44
C ARG B 162 -2.83 -6.69 12.24
N LEU B 163 -3.44 -7.76 11.72
CA LEU B 163 -4.37 -7.70 10.60
C LEU B 163 -5.67 -7.01 10.97
N LEU B 164 -6.13 -7.25 12.20
CA LEU B 164 -7.30 -6.58 12.74
C LEU B 164 -7.11 -5.07 12.61
N ARG B 165 -5.94 -4.61 13.02
CA ARG B 165 -5.63 -3.20 12.97
C ARG B 165 -5.39 -2.76 11.53
N ALA B 166 -4.58 -3.50 10.80
CA ALA B 166 -4.20 -3.09 9.46
C ALA B 166 -5.43 -3.03 8.56
N SER B 167 -6.38 -3.93 8.79
CA SER B 167 -7.61 -3.94 8.01
C SER B 167 -8.67 -2.94 8.52
N ARG B 168 -8.36 -2.21 9.58
CA ARG B 168 -9.33 -1.26 10.15
C ARG B 168 -10.65 -1.92 10.52
N GLY B 169 -10.56 -3.18 10.94
CA GLY B 169 -11.70 -3.91 11.42
C GLY B 169 -12.62 -4.43 10.32
N TYR B 170 -12.07 -4.56 9.11
CA TYR B 170 -12.86 -5.05 7.98
C TYR B 170 -12.60 -6.54 7.68
N VAL B 171 -11.64 -7.12 8.41
CA VAL B 171 -11.25 -8.50 8.17
C VAL B 171 -12.43 -9.48 8.34
N PHE B 172 -13.49 -9.04 9.02
CA PHE B 172 -14.66 -9.90 9.27
C PHE B 172 -15.85 -9.49 8.43
N SER B 173 -15.67 -8.47 7.60
CA SER B 173 -16.78 -7.95 6.81
C SER B 173 -17.00 -8.64 5.46
N LEU B 174 -16.03 -9.47 5.04
CA LEU B 174 -16.26 -10.40 3.95
C LEU B 174 -15.42 -11.61 4.29
N PRO B 175 -15.69 -12.76 3.64
CA PRO B 175 -14.97 -13.98 3.96
C PRO B 175 -13.49 -13.87 3.60
N VAL B 176 -12.64 -13.99 4.61
CA VAL B 176 -11.19 -14.00 4.42
C VAL B 176 -10.69 -15.33 4.95
N VAL B 177 -9.95 -16.07 4.13
CA VAL B 177 -9.61 -17.46 4.43
C VAL B 177 -8.14 -17.82 4.22
N LEU B 178 -7.53 -18.44 5.22
CA LEU B 178 -6.22 -19.04 5.04
C LEU B 178 -6.36 -20.40 4.34
N ALA B 179 -5.55 -20.60 3.30
CA ALA B 179 -5.50 -21.90 2.62
C ALA B 179 -4.08 -22.28 2.27
N ASP B 180 -3.87 -23.56 2.00
CA ASP B 180 -2.63 -24.02 1.37
C ASP B 180 -2.80 -23.81 -0.14
N ARG B 181 -1.69 -23.66 -0.85
CA ARG B 181 -1.71 -23.44 -2.30
C ARG B 181 -2.51 -24.53 -3.03
N GLU B 182 -2.14 -25.80 -2.83
CA GLU B 182 -2.84 -26.90 -3.50
C GLU B 182 -4.30 -26.85 -3.16
N GLU B 183 -4.59 -26.62 -1.88
CA GLU B 183 -5.96 -26.50 -1.42
C GLU B 183 -6.73 -25.49 -2.26
N ALA B 184 -6.19 -24.28 -2.35
CA ALA B 184 -6.82 -23.19 -3.11
C ALA B 184 -7.04 -23.53 -4.59
N VAL B 185 -6.01 -24.08 -5.22
CA VAL B 185 -6.13 -24.44 -6.62
C VAL B 185 -7.21 -25.52 -6.80
N SER B 186 -7.24 -26.49 -5.89
CA SER B 186 -8.27 -27.55 -5.94
C SER B 186 -9.69 -26.98 -5.77
N PHE B 187 -9.86 -26.05 -4.83
CA PHE B 187 -11.15 -25.41 -4.59
C PHE B 187 -11.68 -24.65 -5.80
N LEU B 188 -10.80 -23.90 -6.48
CA LEU B 188 -11.23 -23.15 -7.65
C LEU B 188 -11.63 -24.11 -8.77
N ARG B 189 -10.90 -25.23 -8.87
CA ARG B 189 -11.19 -26.23 -9.90
C ARG B 189 -12.61 -26.80 -9.79
N ASP B 190 -12.94 -27.45 -8.69
CA ASP B 190 -14.27 -28.07 -8.59
C ASP B 190 -15.41 -27.05 -8.50
N ASN B 191 -15.07 -25.77 -8.43
CA ASN B 191 -16.10 -24.74 -8.46
C ASN B 191 -16.26 -24.05 -9.80
N ASP B 192 -15.49 -24.52 -10.78
CA ASP B 192 -15.56 -23.96 -12.13
C ASP B 192 -15.26 -22.47 -12.11
N ILE B 193 -14.27 -22.10 -11.29
CA ILE B 193 -13.83 -20.71 -11.16
C ILE B 193 -12.47 -20.54 -11.83
N ALA B 194 -12.47 -19.94 -13.01
CA ALA B 194 -11.23 -19.69 -13.74
C ALA B 194 -10.36 -18.74 -12.96
N LEU B 195 -9.06 -19.03 -12.91
CA LEU B 195 -8.12 -18.13 -12.27
C LEU B 195 -7.13 -17.54 -13.26
N MET B 196 -6.86 -16.25 -13.11
CA MET B 196 -5.78 -15.61 -13.87
C MET B 196 -4.75 -15.07 -12.93
N VAL B 197 -3.52 -14.98 -13.40
CA VAL B 197 -2.44 -14.56 -12.53
C VAL B 197 -1.99 -13.16 -12.94
N LEU B 198 -1.85 -12.25 -11.97
CA LEU B 198 -1.35 -10.93 -12.33
C LEU B 198 0.17 -10.98 -12.46
N ASP B 199 0.68 -10.58 -13.62
CA ASP B 199 2.13 -10.56 -13.83
C ASP B 199 2.47 -9.77 -15.08
N THR B 200 3.73 -9.37 -15.20
CA THR B 200 4.20 -8.59 -16.35
C THR B 200 4.28 -9.44 -17.62
N ASP B 201 4.34 -8.76 -18.77
CA ASP B 201 4.30 -9.39 -20.09
C ASP B 201 3.37 -10.61 -20.15
N GLY B 202 2.10 -10.38 -19.89
CA GLY B 202 1.11 -11.43 -19.92
C GLY B 202 0.30 -11.51 -21.21
N ASP B 203 -0.55 -12.52 -21.21
CA ASP B 203 -1.55 -12.81 -22.23
C ASP B 203 -2.60 -11.70 -22.40
N LEU B 204 -3.02 -11.09 -21.30
CA LEU B 204 -4.18 -10.21 -21.30
C LEU B 204 -3.89 -8.87 -20.65
N GLY B 205 -4.62 -7.84 -21.07
CA GLY B 205 -4.49 -6.52 -20.47
C GLY B 205 -5.50 -6.36 -19.36
N VAL B 206 -5.09 -5.68 -18.29
CA VAL B 206 -6.01 -5.44 -17.18
C VAL B 206 -7.29 -4.71 -17.66
N LYS B 207 -7.17 -3.91 -18.73
CA LYS B 207 -8.28 -3.10 -19.25
C LYS B 207 -9.40 -3.92 -19.92
N ASP B 208 -9.13 -5.20 -20.13
CA ASP B 208 -10.10 -6.11 -20.71
C ASP B 208 -10.64 -7.09 -19.67
N LEU B 209 -10.32 -6.85 -18.40
CA LEU B 209 -10.76 -7.75 -17.33
C LEU B 209 -12.30 -7.74 -17.27
N GLY B 210 -12.89 -6.60 -17.58
CA GLY B 210 -14.34 -6.43 -17.55
C GLY B 210 -15.11 -7.13 -18.67
N ASP B 211 -14.40 -7.62 -19.69
CA ASP B 211 -15.01 -8.34 -20.80
C ASP B 211 -15.68 -9.64 -20.34
N ARG B 212 -15.02 -10.36 -19.44
CA ARG B 212 -15.54 -11.62 -18.93
C ARG B 212 -16.78 -11.41 -18.06
N ALA B 213 -17.87 -12.08 -18.40
CA ALA B 213 -19.12 -11.91 -17.68
C ALA B 213 -19.13 -12.68 -16.36
N ASP B 214 -18.65 -13.91 -16.37
CA ASP B 214 -18.68 -14.73 -15.17
C ASP B 214 -17.57 -14.34 -14.18
N ARG B 215 -17.71 -14.80 -12.93
CA ARG B 215 -16.72 -14.48 -11.92
C ARG B 215 -15.40 -15.14 -12.28
N MET B 216 -14.33 -14.72 -11.60
CA MET B 216 -13.02 -15.30 -11.82
C MET B 216 -12.23 -15.16 -10.55
N ALA B 217 -11.12 -15.87 -10.45
CA ALA B 217 -10.16 -15.64 -9.41
C ALA B 217 -8.98 -14.84 -9.97
N LEU B 218 -8.48 -13.88 -9.19
CA LEU B 218 -7.28 -13.13 -9.57
C LEU B 218 -6.17 -13.37 -8.55
N VAL B 219 -5.00 -13.78 -9.05
CA VAL B 219 -3.91 -14.22 -8.17
C VAL B 219 -2.79 -13.20 -8.21
N PHE B 220 -2.46 -12.67 -7.03
CA PHE B 220 -1.44 -11.65 -6.91
C PHE B 220 -0.30 -12.22 -6.10
N GLY B 221 0.92 -12.14 -6.61
CA GLY B 221 2.10 -12.58 -5.87
C GLY B 221 2.66 -11.38 -5.16
N SER B 222 3.57 -11.62 -4.21
CA SER B 222 4.32 -10.52 -3.61
C SER B 222 5.27 -10.00 -4.67
N GLU B 223 6.31 -9.28 -4.25
CA GLU B 223 7.38 -9.03 -5.19
C GLU B 223 8.74 -8.96 -4.52
N GLY B 225 8.49 -13.12 -4.84
CA GLY B 225 8.25 -12.31 -6.02
C GLY B 225 7.54 -13.05 -7.14
N GLY B 226 6.32 -12.61 -7.46
CA GLY B 226 5.51 -13.26 -8.48
C GLY B 226 4.65 -14.37 -7.89
N PRO B 227 3.64 -14.81 -8.64
CA PRO B 227 2.80 -15.93 -8.20
C PRO B 227 3.51 -17.26 -8.42
N SER B 228 2.99 -18.31 -7.77
CA SER B 228 3.63 -19.61 -7.73
C SER B 228 3.46 -20.44 -9.01
N GLY B 229 4.21 -21.54 -9.09
CA GLY B 229 4.15 -22.45 -10.22
C GLY B 229 2.82 -23.17 -10.30
N LEU B 230 2.33 -23.66 -9.16
CA LEU B 230 1.03 -24.33 -9.11
C LEU B 230 -0.11 -23.45 -9.63
N PHE B 231 -0.09 -22.16 -9.29
CA PHE B 231 -1.10 -21.24 -9.79
C PHE B 231 -0.88 -20.99 -11.27
N GLN B 232 0.38 -20.76 -11.65
CA GLN B 232 0.71 -20.60 -13.06
C GLN B 232 0.27 -21.81 -13.89
N GLU B 233 0.48 -22.99 -13.32
CA GLU B 233 0.07 -24.22 -14.00
C GLU B 233 -1.45 -24.33 -14.10
N ALA B 234 -2.18 -23.71 -13.17
CA ALA B 234 -3.64 -23.77 -13.21
C ALA B 234 -4.29 -22.60 -13.97
N SER B 235 -3.52 -21.54 -14.19
CA SER B 235 -3.98 -20.29 -14.79
C SER B 235 -4.61 -20.42 -16.17
N ALA B 236 -5.68 -19.66 -16.39
CA ALA B 236 -6.34 -19.55 -17.69
C ALA B 236 -5.81 -18.33 -18.43
N GLY B 237 -4.86 -17.62 -17.80
CA GLY B 237 -4.27 -16.43 -18.39
C GLY B 237 -3.42 -15.58 -17.46
N THR B 238 -2.54 -14.76 -18.05
CA THR B 238 -1.72 -13.81 -17.31
C THR B 238 -2.15 -12.40 -17.67
N VAL B 239 -2.57 -11.65 -16.66
CA VAL B 239 -3.07 -10.29 -16.83
C VAL B 239 -2.00 -9.26 -16.47
N SER B 240 -1.76 -8.31 -17.35
CA SER B 240 -0.71 -7.32 -17.15
C SER B 240 -1.25 -5.91 -17.10
N ILE B 241 -0.80 -5.17 -16.09
CA ILE B 241 -1.05 -3.74 -16.01
C ILE B 241 0.09 -3.02 -16.73
N PRO B 242 -0.25 -2.24 -17.76
CA PRO B 242 0.76 -1.57 -18.58
C PRO B 242 1.55 -0.59 -17.73
N MET B 243 2.85 -0.50 -17.98
CA MET B 243 3.70 0.39 -17.23
C MET B 243 4.72 0.89 -18.22
N LEU B 244 5.45 1.93 -17.86
CA LEU B 244 6.47 2.46 -18.75
C LEU B 244 7.53 1.41 -19.10
N SER B 245 7.88 0.54 -18.14
CA SER B 245 8.91 -0.51 -18.33
C SER B 245 8.50 -1.84 -17.69
N SER B 246 8.88 -2.96 -18.32
CA SER B 246 8.57 -4.28 -17.76
C SER B 246 9.34 -4.54 -16.49
N THR B 247 10.41 -3.77 -16.30
CA THR B 247 11.22 -3.90 -15.09
C THR B 247 10.55 -3.23 -13.89
N GLU B 248 9.63 -2.30 -14.17
CA GLU B 248 8.93 -1.60 -13.09
C GLU B 248 7.93 -2.50 -12.36
N SER B 249 7.53 -2.09 -11.17
CA SER B 249 6.53 -2.88 -10.48
C SER B 249 5.69 -1.98 -9.59
N LEU B 250 4.52 -2.46 -9.21
CA LEU B 250 3.65 -1.70 -8.34
C LEU B 250 3.56 -2.45 -7.03
N ASN B 251 3.32 -1.71 -5.96
CA ASN B 251 2.95 -2.33 -4.68
C ASN B 251 1.73 -3.22 -4.87
N VAL B 252 1.73 -4.38 -4.24
CA VAL B 252 0.72 -5.39 -4.51
C VAL B 252 -0.70 -4.89 -4.24
N SER B 253 -0.86 -4.10 -3.17
CA SER B 253 -2.17 -3.52 -2.85
C SER B 253 -2.66 -2.58 -3.98
N VAL B 254 -1.73 -1.87 -4.60
CA VAL B 254 -2.08 -1.02 -5.74
C VAL B 254 -2.55 -1.87 -6.93
N SER B 255 -1.83 -2.96 -7.22
CA SER B 255 -2.22 -3.85 -8.32
C SER B 255 -3.61 -4.38 -8.10
N VAL B 256 -3.93 -4.74 -6.87
CA VAL B 256 -5.26 -5.25 -6.53
C VAL B 256 -6.36 -4.19 -6.76
N GLY B 257 -6.08 -2.95 -6.36
CA GLY B 257 -6.99 -1.84 -6.60
C GLY B 257 -7.26 -1.67 -8.09
N ILE B 258 -6.21 -1.67 -8.90
CA ILE B 258 -6.44 -1.47 -10.36
C ILE B 258 -7.27 -2.62 -10.96
N ALA B 259 -6.90 -3.85 -10.65
CA ALA B 259 -7.60 -5.04 -11.14
C ALA B 259 -9.09 -5.10 -10.72
N LEU B 260 -9.36 -4.95 -9.44
CA LEU B 260 -10.75 -4.95 -9.00
C LEU B 260 -11.55 -3.79 -9.52
N HIS B 261 -10.91 -2.64 -9.69
CA HIS B 261 -11.59 -1.52 -10.30
C HIS B 261 -12.10 -1.87 -11.70
N GLU B 262 -11.27 -2.53 -12.50
CA GLU B 262 -11.70 -3.00 -13.82
C GLU B 262 -12.82 -4.05 -13.72
N ARG B 263 -12.91 -4.74 -12.58
CA ARG B 263 -13.95 -5.74 -12.40
C ARG B 263 -15.16 -5.22 -11.62
N SER B 264 -15.18 -3.93 -11.25
CA SER B 264 -16.17 -3.48 -10.27
C SER B 264 -17.59 -3.53 -10.82
N ALA B 265 -17.78 -3.12 -12.07
CA ALA B 265 -19.09 -3.27 -12.73
C ALA B 265 -19.60 -4.69 -12.56
N ARG B 266 -18.82 -5.67 -13.00
CA ARG B 266 -19.13 -7.08 -12.78
C ARG B 266 -19.47 -7.44 -11.32
N ASN B 267 -18.60 -7.08 -10.38
CA ASN B 267 -18.83 -7.44 -8.99
C ASN B 267 -19.97 -6.67 -8.29
N PHE B 268 -20.13 -5.41 -8.63
CA PHE B 268 -21.24 -4.64 -8.06
C PHE B 268 -22.58 -5.27 -8.48
N ALA B 269 -22.67 -5.68 -9.74
CA ALA B 269 -23.89 -6.33 -10.20
C ALA B 269 -24.18 -7.58 -9.39
N VAL B 270 -23.15 -8.37 -9.09
CA VAL B 270 -23.34 -9.53 -8.24
C VAL B 270 -23.76 -9.12 -6.81
N ARG B 271 -23.07 -8.12 -6.26
CA ARG B 271 -23.36 -7.66 -4.91
C ARG B 271 -24.78 -7.11 -4.75
N ARG B 272 -25.32 -6.53 -5.81
CA ARG B 272 -26.61 -5.87 -5.70
C ARG B 272 -27.76 -6.68 -6.28
N ALA B 273 -27.50 -7.91 -6.71
CA ALA B 273 -28.56 -8.82 -7.11
C ALA B 273 -28.96 -9.66 -5.89
N ALA B 274 -28.07 -9.72 -4.91
CA ALA B 274 -28.30 -10.45 -3.68
C ALA B 274 -28.37 -9.49 -2.49
#